data_3E5A
#
_entry.id   3E5A
#
_cell.length_a   87.186
_cell.length_b   89.097
_cell.length_c   88.499
_cell.angle_alpha   90.00
_cell.angle_beta   90.00
_cell.angle_gamma   90.00
#
_symmetry.space_group_name_H-M   'C 2 2 21'
#
loop_
_entity.id
_entity.type
_entity.pdbx_description
1 polymer 'Serine/threonine-protein kinase 6'
2 polymer 'Targeting protein for Xklp2'
3 non-polymer 'CYCLOPROPANECARBOXYLIC ACID {4-[4-(4-METHYL-PIPERAZIN-1-YL)-6-(5-METHYL-2H-PYRAZOL-3-YLAMINO)-PYRIMIDIN-2-YLSULFANYL]-PHENYL}-AMIDE'
4 non-polymer 'SULFATE ION'
5 water water
#
loop_
_entity_poly.entity_id
_entity_poly.type
_entity_poly.pdbx_seq_one_letter_code
_entity_poly.pdbx_strand_id
1 'polypeptide(L)'
;GKRQWALEDFEIGRPLGKGKFGNVYLAREKQSKFILALKVLFKAQLEKAGVEHQLRREVEIQSHLRHPNILRLYGYFHDA
TRVYLILEYAPLGTVYRELQKLSKFDEQRTATYITELANALSYCHSKRVIHRDIKPENLLLGSAGELKIADFGWSVHAPS
SRRT(TPO)LCGTLDYLPPEMIEGRMHDEKVDLWSLGVLCYEFLVGKPPFEANTYQETYKRISRVEFTFPDFVTEGARDL
ISRLLKHNPSQRPMLREVLEHPWITANSSKPS
;
A
2 'polypeptide(L)' GMSQVKSSYSYDAPSDFINFSSLDDEGDTQNIDSWFEEKANLEN B
#
loop_
_chem_comp.id
_chem_comp.type
_chem_comp.name
_chem_comp.formula
SO4 non-polymer 'SULFATE ION' 'O4 S -2'
VX6 non-polymer 'CYCLOPROPANECARBOXYLIC ACID {4-[4-(4-METHYL-PIPERAZIN-1-YL)-6-(5-METHYL-2H-PYRAZOL-3-YLAMINO)-PYRIMIDIN-2-YLSULFANYL]-PHENYL}-AMIDE' 'C23 H28 N8 O S'
#
# COMPACT_ATOMS: atom_id res chain seq x y z
N LYS A 2 18.26 -19.79 -15.85
CA LYS A 2 18.90 -18.45 -15.50
C LYS A 2 19.45 -18.40 -14.07
N ARG A 3 20.39 -17.47 -13.85
CA ARG A 3 21.02 -17.18 -12.57
C ARG A 3 19.99 -16.71 -11.57
N GLN A 4 19.94 -17.37 -10.42
CA GLN A 4 19.02 -17.04 -9.35
C GLN A 4 19.73 -16.23 -8.27
N TRP A 5 18.98 -15.42 -7.54
CA TRP A 5 19.55 -14.65 -6.48
C TRP A 5 20.09 -15.59 -5.43
N ALA A 6 21.12 -15.13 -4.71
CA ALA A 6 21.71 -15.81 -3.57
C ALA A 6 22.03 -14.71 -2.56
N LEU A 7 21.95 -14.98 -1.27
CA LEU A 7 22.30 -13.96 -0.25
C LEU A 7 23.69 -13.30 -0.54
N GLU A 8 24.66 -14.16 -0.84
CA GLU A 8 26.00 -13.76 -1.22
C GLU A 8 26.08 -12.63 -2.27
N ASP A 9 24.96 -12.32 -2.94
CA ASP A 9 24.92 -11.25 -3.95
C ASP A 9 24.75 -9.86 -3.30
N PHE A 10 24.48 -9.87 -1.99
CA PHE A 10 24.23 -8.67 -1.21
C PHE A 10 25.20 -8.37 -0.08
N GLU A 11 25.57 -7.09 0.00
CA GLU A 11 26.13 -6.53 1.21
C GLU A 11 24.97 -6.01 2.06
N ILE A 12 24.91 -6.43 3.33
CA ILE A 12 23.87 -5.98 4.26
C ILE A 12 24.40 -4.89 5.21
N GLY A 13 23.66 -3.77 5.27
CA GLY A 13 23.93 -2.71 6.22
C GLY A 13 22.97 -2.72 7.39
N ARG A 14 22.64 -1.53 7.91
CA ARG A 14 21.80 -1.43 9.13
C ARG A 14 20.32 -1.75 8.86
N PRO A 15 19.56 -2.11 9.93
CA PRO A 15 18.14 -2.11 9.83
C PRO A 15 17.67 -0.74 9.38
N LEU A 16 16.67 -0.71 8.52
CA LEU A 16 16.02 0.55 8.13
C LEU A 16 15.18 1.19 9.28
N GLY A 17 14.65 0.33 10.17
CA GLY A 17 13.74 0.80 11.18
C GLY A 17 13.76 0.04 12.46
N LYS A 18 13.14 0.65 13.47
CA LYS A 18 12.94 0.04 14.78
C LYS A 18 11.67 -0.84 14.74
N GLY A 19 11.41 -1.55 15.83
CA GLY A 19 10.14 -2.25 16.00
C GLY A 19 9.74 -3.21 14.90
N LYS A 20 8.49 -3.10 14.46
CA LYS A 20 7.93 -3.94 13.38
C LYS A 20 8.70 -3.85 12.05
N PHE A 21 9.56 -2.84 11.90
CA PHE A 21 10.36 -2.75 10.70
C PHE A 21 11.82 -3.17 10.93
N GLY A 22 12.14 -3.76 12.09
CA GLY A 22 13.53 -4.10 12.48
C GLY A 22 14.16 -5.11 11.53
N ASN A 23 13.33 -5.45 10.57
CA ASN A 23 13.33 -6.63 9.78
C ASN A 23 13.90 -6.42 8.38
N VAL A 24 14.04 -5.14 8.03
CA VAL A 24 14.24 -4.70 6.67
C VAL A 24 15.54 -3.89 6.75
N TYR A 25 16.52 -4.30 5.95
CA TYR A 25 17.85 -3.77 5.98
C TYR A 25 18.18 -2.95 4.78
N LEU A 26 19.06 -1.97 4.99
CA LEU A 26 19.69 -1.30 3.87
C LEU A 26 20.63 -2.33 3.29
N ALA A 27 20.58 -2.47 1.98
CA ALA A 27 21.28 -3.57 1.31
C ALA A 27 21.87 -3.03 0.02
N ARG A 28 22.83 -3.78 -0.48
CA ARG A 28 23.54 -3.38 -1.66
C ARG A 28 23.79 -4.61 -2.52
N GLU A 29 23.42 -4.50 -3.78
CA GLU A 29 23.85 -5.54 -4.69
C GLU A 29 25.34 -5.37 -5.01
N LYS A 30 26.13 -6.42 -4.78
CA LYS A 30 27.60 -6.37 -4.75
C LYS A 30 28.31 -5.87 -6.03
N GLN A 31 27.72 -6.14 -7.17
CA GLN A 31 28.38 -5.87 -8.44
C GLN A 31 28.02 -4.50 -8.95
N SER A 32 26.72 -4.21 -8.89
CA SER A 32 26.20 -2.92 -9.34
C SER A 32 26.37 -1.79 -8.29
N LYS A 33 26.49 -2.16 -7.02
CA LYS A 33 26.54 -1.23 -5.91
C LYS A 33 25.19 -0.54 -5.68
N PHE A 34 24.16 -1.04 -6.36
CA PHE A 34 22.78 -0.57 -6.26
C PHE A 34 22.09 -0.84 -4.91
N ILE A 35 21.65 0.25 -4.27
CA ILE A 35 21.08 0.22 -2.93
C ILE A 35 19.64 -0.19 -2.94
N LEU A 36 19.30 -1.10 -2.04
CA LEU A 36 18.01 -1.79 -1.99
C LEU A 36 17.58 -1.79 -0.53
N ALA A 37 16.33 -2.18 -0.29
CA ALA A 37 15.87 -2.64 1.02
C ALA A 37 15.75 -4.13 0.92
N LEU A 38 16.22 -4.85 1.93
CA LEU A 38 16.13 -6.28 1.89
C LEU A 38 15.39 -6.75 3.14
N LYS A 39 14.20 -7.30 2.91
CA LYS A 39 13.33 -7.78 3.97
C LYS A 39 13.55 -9.27 4.25
N VAL A 40 13.85 -9.61 5.50
CA VAL A 40 14.15 -10.97 5.91
C VAL A 40 13.04 -11.56 6.79
N LEU A 41 12.52 -12.72 6.39
CA LEU A 41 11.47 -13.40 7.12
C LEU A 41 11.94 -14.80 7.43
N PHE A 42 11.65 -15.28 8.64
CA PHE A 42 12.00 -16.63 9.05
C PHE A 42 10.86 -17.60 8.89
N LYS A 43 11.14 -18.62 8.08
CA LYS A 43 10.19 -19.64 7.63
C LYS A 43 9.45 -20.29 8.76
N ALA A 44 10.17 -20.70 9.78
CA ALA A 44 9.60 -21.52 10.84
C ALA A 44 8.50 -20.74 11.61
N GLN A 45 8.75 -19.43 11.78
CA GLN A 45 7.88 -18.53 12.49
C GLN A 45 6.67 -18.15 11.64
N LEU A 46 6.89 -18.08 10.32
CA LEU A 46 5.79 -17.96 9.34
C LEU A 46 4.84 -19.12 9.36
N GLU A 47 5.43 -20.31 9.22
CA GLU A 47 4.70 -21.58 9.25
C GLU A 47 4.05 -21.92 10.58
N LYS A 48 4.61 -21.44 11.69
CA LYS A 48 3.96 -21.67 12.97
C LYS A 48 2.74 -20.76 13.09
N ALA A 49 2.87 -19.56 12.52
CA ALA A 49 1.83 -18.51 12.53
C ALA A 49 0.69 -18.78 11.54
N GLY A 50 1.01 -19.55 10.49
CA GLY A 50 0.07 -19.92 9.43
C GLY A 50 -0.06 -18.86 8.32
N VAL A 51 0.93 -17.98 8.20
CA VAL A 51 0.80 -16.81 7.31
C VAL A 51 1.58 -16.92 5.98
N GLU A 52 2.11 -18.11 5.71
CA GLU A 52 3.00 -18.34 4.56
C GLU A 52 2.25 -18.26 3.21
N HIS A 53 0.98 -18.63 3.20
CA HIS A 53 0.19 -18.44 2.00
C HIS A 53 -0.14 -16.98 1.74
N GLN A 54 -0.32 -16.20 2.79
CA GLN A 54 -0.48 -14.75 2.64
C GLN A 54 0.73 -14.12 1.95
N LEU A 55 1.91 -14.62 2.34
CA LEU A 55 3.17 -14.13 1.83
C LEU A 55 3.28 -14.38 0.34
N ARG A 56 3.04 -15.62 -0.04
CA ARG A 56 2.96 -16.02 -1.44
C ARG A 56 2.13 -15.00 -2.23
N ARG A 57 0.89 -14.78 -1.82
CA ARG A 57 0.00 -13.83 -2.48
C ARG A 57 0.62 -12.39 -2.56
N GLU A 58 1.21 -11.93 -1.47
CA GLU A 58 1.75 -10.59 -1.42
C GLU A 58 2.89 -10.42 -2.42
N VAL A 59 3.75 -11.43 -2.48
CA VAL A 59 4.91 -11.41 -3.37
C VAL A 59 4.47 -11.47 -4.80
N GLU A 60 3.56 -12.40 -5.11
CA GLU A 60 3.06 -12.60 -6.43
C GLU A 60 2.41 -11.34 -6.96
N ILE A 61 1.58 -10.71 -6.14
CA ILE A 61 0.94 -9.45 -6.53
C ILE A 61 1.91 -8.32 -6.76
N GLN A 62 2.67 -7.97 -5.72
CA GLN A 62 3.47 -6.74 -5.71
C GLN A 62 4.64 -6.84 -6.65
N SER A 63 5.21 -8.04 -6.80
CA SER A 63 6.28 -8.19 -7.81
C SER A 63 5.83 -8.04 -9.26
N HIS A 64 4.52 -8.21 -9.55
CA HIS A 64 4.00 -7.90 -10.90
C HIS A 64 3.49 -6.49 -11.13
N LEU A 65 3.60 -5.59 -10.14
CA LEU A 65 3.05 -4.25 -10.33
C LEU A 65 4.13 -3.23 -10.66
N ARG A 66 3.92 -2.53 -11.77
CA ARG A 66 4.89 -1.60 -12.30
C ARG A 66 4.30 -0.19 -12.38
N HIS A 67 4.58 0.63 -11.36
CA HIS A 67 4.06 1.99 -11.33
C HIS A 67 5.02 2.85 -10.50
N PRO A 68 5.17 4.13 -10.92
CA PRO A 68 5.96 5.21 -10.27
C PRO A 68 5.68 5.41 -8.78
N ASN A 69 4.41 5.27 -8.41
CA ASN A 69 3.94 5.45 -7.04
C ASN A 69 3.63 4.14 -6.31
N ILE A 70 4.31 3.08 -6.72
CA ILE A 70 4.20 1.77 -6.08
C ILE A 70 5.60 1.22 -5.96
N LEU A 71 5.97 0.85 -4.75
CA LEU A 71 7.32 0.40 -4.45
C LEU A 71 7.56 -0.90 -5.17
N ARG A 72 8.60 -0.89 -6.02
CA ARG A 72 9.04 -2.09 -6.68
C ARG A 72 9.40 -3.17 -5.63
N LEU A 73 8.86 -4.35 -5.83
CA LEU A 73 9.44 -5.55 -5.28
C LEU A 73 10.21 -6.19 -6.44
N TYR A 74 11.53 -6.06 -6.46
CA TYR A 74 12.24 -6.50 -7.64
C TYR A 74 12.27 -8.00 -7.78
N GLY A 75 12.09 -8.75 -6.69
CA GLY A 75 12.36 -10.19 -6.69
C GLY A 75 12.40 -10.71 -5.27
N TYR A 76 12.49 -12.02 -5.12
CA TYR A 76 12.58 -12.68 -3.83
C TYR A 76 13.52 -13.90 -4.04
N PHE A 77 13.96 -14.50 -2.92
CA PHE A 77 14.61 -15.81 -2.94
C PHE A 77 14.53 -16.38 -1.51
N HIS A 78 14.91 -17.63 -1.34
CA HIS A 78 14.90 -18.21 -0.02
C HIS A 78 16.04 -19.19 0.20
N ASP A 79 16.32 -19.46 1.45
CA ASP A 79 17.26 -20.52 1.81
C ASP A 79 16.58 -21.46 2.83
N ALA A 80 17.38 -22.28 3.47
CA ALA A 80 16.92 -23.30 4.39
C ALA A 80 16.03 -22.73 5.49
N THR A 81 16.27 -21.49 5.88
CA THR A 81 15.62 -20.91 7.08
C THR A 81 14.85 -19.64 6.80
N ARG A 82 15.24 -18.94 5.74
CA ARG A 82 14.71 -17.62 5.47
C ARG A 82 14.10 -17.41 4.10
N VAL A 83 13.17 -16.45 4.00
CA VAL A 83 12.73 -15.89 2.73
C VAL A 83 13.16 -14.41 2.68
N TYR A 84 13.69 -13.99 1.52
CA TYR A 84 14.18 -12.64 1.32
C TYR A 84 13.35 -11.90 0.30
N LEU A 85 12.93 -10.70 0.62
CA LEU A 85 12.26 -9.85 -0.36
C LEU A 85 13.14 -8.67 -0.71
N ILE A 86 13.36 -8.45 -2.01
CA ILE A 86 14.28 -7.45 -2.55
C ILE A 86 13.40 -6.30 -3.04
N LEU A 87 13.37 -5.25 -2.24
CA LEU A 87 12.42 -4.19 -2.45
C LEU A 87 13.14 -2.93 -2.80
N GLU A 88 12.42 -2.04 -3.48
CA GLU A 88 12.90 -0.67 -3.78
C GLU A 88 13.27 0.06 -2.49
N TYR A 89 14.37 0.79 -2.47
CA TYR A 89 14.64 1.63 -1.30
C TYR A 89 14.09 3.06 -1.50
N ALA A 90 13.32 3.55 -0.51
CA ALA A 90 12.70 4.87 -0.52
C ALA A 90 13.35 5.66 0.58
N PRO A 91 14.30 6.54 0.22
CA PRO A 91 15.16 7.15 1.22
C PRO A 91 14.49 8.17 2.17
N LEU A 92 13.28 8.63 1.89
CA LEU A 92 12.74 9.68 2.74
C LEU A 92 11.78 9.15 3.81
N GLY A 93 11.64 7.83 3.87
CA GLY A 93 10.89 7.13 4.91
C GLY A 93 9.40 7.15 4.73
N THR A 94 8.66 6.94 5.80
CA THR A 94 7.21 6.82 5.74
C THR A 94 6.46 8.14 5.87
N VAL A 95 5.42 8.28 5.08
CA VAL A 95 4.46 9.34 5.23
C VAL A 95 4.06 9.51 6.73
N TYR A 96 3.95 8.41 7.44
CA TYR A 96 3.51 8.41 8.81
C TYR A 96 4.51 9.18 9.68
N ARG A 97 5.80 8.94 9.44
CA ARG A 97 6.83 9.69 10.11
C ARG A 97 6.71 11.22 9.80
N GLU A 98 6.47 11.54 8.54
CA GLU A 98 6.30 12.90 8.13
C GLU A 98 5.13 13.55 8.89
N LEU A 99 4.05 12.80 9.06
CA LEU A 99 2.89 13.30 9.82
C LEU A 99 3.18 13.51 11.30
N GLN A 100 3.84 12.51 11.90
CA GLN A 100 4.40 12.68 13.22
C GLN A 100 5.24 13.95 13.35
N LYS A 101 6.17 14.15 12.42
CA LYS A 101 7.09 15.32 12.45
C LYS A 101 6.30 16.61 12.34
N LEU A 102 5.35 16.64 11.40
CA LEU A 102 4.65 17.89 11.01
C LEU A 102 3.34 18.19 11.69
N SER A 103 2.71 17.15 12.23
CA SER A 103 1.39 17.23 12.89
C SER A 103 0.22 17.08 11.91
N LYS A 104 0.25 17.87 10.86
CA LYS A 104 -0.80 17.79 9.85
C LYS A 104 -0.20 18.40 8.59
N PHE A 105 -0.79 18.12 7.44
CA PHE A 105 -0.18 18.58 6.19
C PHE A 105 -0.97 19.76 5.66
N ASP A 106 -0.29 20.67 4.95
CA ASP A 106 -0.98 21.82 4.37
C ASP A 106 -1.84 21.21 3.25
N GLU A 107 -2.58 22.05 2.54
CA GLU A 107 -3.47 21.57 1.46
C GLU A 107 -2.74 21.08 0.19
N GLN A 108 -1.62 21.73 -0.13
CA GLN A 108 -0.85 21.41 -1.31
C GLN A 108 -0.25 19.99 -1.22
N ARG A 109 0.37 19.73 -0.07
CA ARG A 109 1.00 18.49 0.17
C ARG A 109 -0.04 17.39 0.22
N THR A 110 -1.16 17.66 0.88
CA THR A 110 -2.18 16.60 0.99
C THR A 110 -2.78 16.25 -0.37
N ALA A 111 -3.07 17.28 -1.20
CA ALA A 111 -3.64 17.06 -2.52
C ALA A 111 -2.65 16.35 -3.43
N THR A 112 -1.36 16.63 -3.22
CA THR A 112 -0.32 16.02 -4.02
C THR A 112 -0.25 14.58 -3.61
N TYR A 113 -0.25 14.31 -2.31
CA TYR A 113 -0.25 12.93 -1.85
C TYR A 113 -1.48 12.21 -2.38
N ILE A 114 -2.63 12.86 -2.33
CA ILE A 114 -3.86 12.22 -2.80
C ILE A 114 -3.82 11.98 -4.29
N THR A 115 -3.31 12.95 -5.07
CA THR A 115 -3.21 12.71 -6.49
C THR A 115 -2.34 11.51 -6.77
N GLU A 116 -1.13 11.52 -6.23
CA GLU A 116 -0.18 10.44 -6.42
C GLU A 116 -0.79 9.12 -6.04
N LEU A 117 -1.50 9.12 -4.94
CA LEU A 117 -1.99 7.86 -4.44
C LEU A 117 -3.13 7.34 -5.32
N ALA A 118 -4.07 8.23 -5.67
CA ALA A 118 -5.20 7.84 -6.53
C ALA A 118 -4.67 7.20 -7.83
N ASN A 119 -3.66 7.85 -8.43
CA ASN A 119 -2.97 7.31 -9.60
C ASN A 119 -2.44 5.87 -9.40
N ALA A 120 -1.85 5.59 -8.24
CA ALA A 120 -1.38 4.25 -7.90
C ALA A 120 -2.51 3.20 -7.74
N LEU A 121 -3.60 3.57 -7.10
CA LEU A 121 -4.75 2.68 -6.88
C LEU A 121 -5.60 2.49 -8.13
N SER A 122 -5.69 3.56 -8.91
CA SER A 122 -6.29 3.54 -10.24
C SER A 122 -5.65 2.45 -11.08
N TYR A 123 -4.32 2.51 -11.18
CA TYR A 123 -3.52 1.50 -11.85
C TYR A 123 -3.71 0.13 -11.20
N CYS A 124 -3.63 0.07 -9.86
CA CYS A 124 -3.94 -1.16 -9.14
C CYS A 124 -5.30 -1.71 -9.55
N HIS A 125 -6.34 -0.89 -9.51
CA HIS A 125 -7.68 -1.36 -9.90
C HIS A 125 -7.82 -1.79 -11.38
N SER A 126 -7.05 -1.18 -12.28
CA SER A 126 -7.01 -1.65 -13.68
C SER A 126 -6.49 -3.09 -13.77
N LYS A 127 -5.96 -3.60 -12.66
CA LYS A 127 -5.37 -4.93 -12.63
C LYS A 127 -6.24 -5.87 -11.83
N ARG A 128 -7.32 -5.33 -11.28
CA ARG A 128 -8.26 -6.09 -10.44
C ARG A 128 -7.72 -6.36 -9.05
N VAL A 129 -6.72 -5.57 -8.67
CA VAL A 129 -6.10 -5.62 -7.35
C VAL A 129 -6.75 -4.59 -6.46
N ILE A 130 -7.18 -5.03 -5.27
CA ILE A 130 -7.67 -4.14 -4.20
C ILE A 130 -6.55 -4.14 -3.13
N HIS A 131 -6.13 -2.96 -2.68
CA HIS A 131 -5.02 -2.86 -1.73
C HIS A 131 -5.37 -3.31 -0.31
N ARG A 132 -6.37 -2.64 0.26
CA ARG A 132 -7.05 -3.10 1.49
C ARG A 132 -6.24 -2.79 2.74
N ASP A 133 -5.19 -1.97 2.63
CA ASP A 133 -4.49 -1.49 3.81
C ASP A 133 -3.82 -0.10 3.59
N ILE A 134 -4.57 0.81 2.98
CA ILE A 134 -4.12 2.20 2.76
C ILE A 134 -4.07 2.91 4.11
N LYS A 135 -2.87 3.37 4.51
CA LYS A 135 -2.71 4.10 5.76
C LYS A 135 -1.30 4.67 5.84
N PRO A 136 -1.12 5.73 6.62
CA PRO A 136 0.18 6.47 6.51
C PRO A 136 1.48 5.61 6.62
N GLU A 137 1.51 4.54 7.44
CA GLU A 137 2.71 3.71 7.55
C GLU A 137 3.01 2.87 6.33
N ASN A 138 1.95 2.48 5.61
CA ASN A 138 2.13 1.69 4.40
C ASN A 138 2.51 2.55 3.19
N LEU A 139 2.86 3.80 3.45
CA LEU A 139 3.22 4.73 2.41
C LEU A 139 4.61 5.22 2.67
N LEU A 140 5.42 5.23 1.62
CA LEU A 140 6.80 5.64 1.69
C LEU A 140 7.07 6.81 0.76
N LEU A 141 8.16 7.52 1.02
CA LEU A 141 8.58 8.64 0.18
C LEU A 141 9.95 8.41 -0.52
N GLY A 142 10.01 8.58 -1.82
CA GLY A 142 11.30 8.51 -2.51
C GLY A 142 12.11 9.81 -2.55
N SER A 143 13.21 9.76 -3.29
CA SER A 143 14.12 10.88 -3.56
C SER A 143 13.48 12.26 -3.65
N ALA A 144 12.50 12.39 -4.53
CA ALA A 144 11.91 13.68 -4.84
C ALA A 144 10.74 13.94 -3.91
N GLY A 145 10.57 13.11 -2.89
CA GLY A 145 9.45 13.25 -1.98
C GLY A 145 8.15 12.72 -2.56
N GLU A 146 8.25 11.96 -3.64
CA GLU A 146 7.08 11.39 -4.25
C GLU A 146 6.54 10.21 -3.40
N LEU A 147 5.20 10.09 -3.36
CA LEU A 147 4.57 8.98 -2.66
C LEU A 147 4.72 7.65 -3.37
N LYS A 148 5.06 6.62 -2.60
CA LYS A 148 4.98 5.24 -3.09
C LYS A 148 4.19 4.32 -2.14
N ILE A 149 3.28 3.51 -2.69
CA ILE A 149 2.60 2.49 -1.90
C ILE A 149 3.54 1.35 -1.60
N ALA A 150 3.65 0.99 -0.32
CA ALA A 150 4.72 0.10 0.14
C ALA A 150 4.26 -1.29 0.58
N ASP A 151 3.14 -1.35 1.31
CA ASP A 151 2.76 -2.63 1.95
C ASP A 151 1.57 -3.26 1.23
N PHE A 152 1.79 -4.42 0.62
CA PHE A 152 0.73 -5.15 -0.10
C PHE A 152 0.32 -6.42 0.65
N GLY A 153 0.62 -6.45 1.95
CA GLY A 153 0.29 -7.56 2.84
C GLY A 153 -1.17 -7.99 3.00
N TRP A 154 -2.11 -7.09 2.67
CA TRP A 154 -3.56 -7.42 2.67
C TRP A 154 -4.18 -7.32 1.27
N SER A 155 -3.36 -7.00 0.27
CA SER A 155 -3.88 -6.79 -1.04
C SER A 155 -4.30 -8.13 -1.64
N VAL A 156 -5.30 -8.08 -2.52
CA VAL A 156 -5.85 -9.28 -3.17
C VAL A 156 -6.11 -8.99 -4.63
N HIS A 157 -5.91 -10.00 -5.47
CA HIS A 157 -6.36 -9.96 -6.85
C HIS A 157 -7.81 -10.45 -6.93
N ALA A 158 -8.73 -9.51 -7.14
CA ALA A 158 -10.16 -9.82 -7.22
C ALA A 158 -10.65 -9.67 -8.66
N PRO A 159 -10.44 -10.72 -9.48
CA PRO A 159 -10.69 -10.56 -10.91
C PRO A 159 -12.19 -10.63 -11.23
N SER A 160 -12.92 -11.43 -10.45
CA SER A 160 -14.35 -11.59 -10.67
C SER A 160 -15.10 -11.46 -9.35
N SER A 161 -14.94 -12.48 -8.50
CA SER A 161 -15.58 -12.57 -7.19
C SER A 161 -15.24 -11.47 -6.18
N ARG A 162 -16.29 -10.95 -5.54
CA ARG A 162 -16.17 -10.15 -4.32
C ARG A 162 -15.56 -10.92 -3.13
N ARG A 163 -15.06 -10.17 -2.15
CA ARG A 163 -14.27 -10.73 -1.04
C ARG A 163 -15.00 -10.72 0.30
N THR A 164 -14.67 -11.72 1.11
CA THR A 164 -15.21 -11.82 2.44
C THR A 164 -14.13 -11.47 3.48
N TPO A 165 -12.87 -11.25 3.38
CA TPO A 165 -11.81 -11.35 4.40
CB TPO A 165 -10.45 -11.56 3.74
CG2 TPO A 165 -9.39 -11.76 4.80
OG1 TPO A 165 -10.49 -12.73 2.91
P TPO A 165 -9.95 -12.62 1.37
O1P TPO A 165 -8.47 -12.35 1.43
O2P TPO A 165 -10.79 -11.43 0.95
O3P TPO A 165 -10.32 -13.93 0.74
C TPO A 165 -11.83 -10.03 5.12
O TPO A 165 -11.86 -8.96 4.52
N LEU A 166 -12.22 -10.08 6.36
CA LEU A 166 -11.97 -8.81 7.17
C LEU A 166 -10.47 -8.53 7.33
N CYS A 167 -10.02 -7.43 6.75
CA CYS A 167 -8.61 -7.06 6.92
C CYS A 167 -8.41 -5.56 6.82
N GLY A 168 -7.30 -5.12 7.41
CA GLY A 168 -6.89 -3.73 7.40
C GLY A 168 -6.54 -3.30 8.80
N THR A 169 -6.65 -2.00 9.05
CA THR A 169 -6.28 -1.40 10.32
C THR A 169 -7.50 -0.70 10.91
N LEU A 170 -7.75 -0.95 12.19
CA LEU A 170 -8.94 -0.45 12.89
C LEU A 170 -9.53 0.88 12.36
N ASP A 171 -8.74 1.95 12.35
CA ASP A 171 -9.32 3.27 12.10
C ASP A 171 -9.66 3.48 10.64
N TYR A 172 -9.25 2.50 9.83
CA TYR A 172 -9.38 2.59 8.38
C TYR A 172 -10.35 1.59 7.77
N LEU A 173 -10.95 0.74 8.61
CA LEU A 173 -11.85 -0.29 8.10
C LEU A 173 -13.08 0.36 7.46
N PRO A 174 -13.44 -0.07 6.23
CA PRO A 174 -14.69 0.39 5.61
C PRO A 174 -15.91 -0.19 6.36
N PRO A 175 -17.07 0.48 6.24
CA PRO A 175 -18.26 -0.04 6.92
C PRO A 175 -18.72 -1.44 6.48
N GLU A 176 -18.49 -1.81 5.23
CA GLU A 176 -18.94 -3.10 4.70
C GLU A 176 -18.23 -4.29 5.35
N MET A 177 -16.98 -4.05 5.76
CA MET A 177 -16.19 -5.02 6.55
C MET A 177 -16.68 -5.10 7.98
N ILE A 178 -16.80 -3.94 8.66
CA ILE A 178 -17.36 -3.92 10.02
C ILE A 178 -18.66 -4.74 10.13
N GLU A 179 -19.57 -4.59 9.15
CA GLU A 179 -20.90 -5.20 9.20
C GLU A 179 -20.93 -6.63 8.69
N GLY A 180 -19.78 -7.12 8.24
CA GLY A 180 -19.67 -8.49 7.74
C GLY A 180 -20.42 -8.75 6.45
N ARG A 181 -20.46 -7.75 5.58
CA ARG A 181 -21.01 -7.89 4.25
C ARG A 181 -19.82 -8.19 3.33
N MET A 182 -20.08 -8.62 2.09
CA MET A 182 -18.98 -8.76 1.13
C MET A 182 -18.44 -7.39 0.69
N HIS A 183 -17.24 -7.38 0.14
CA HIS A 183 -16.65 -6.13 -0.23
C HIS A 183 -15.96 -6.22 -1.58
N ASP A 184 -15.70 -5.06 -2.18
CA ASP A 184 -15.10 -4.97 -3.52
C ASP A 184 -14.05 -3.89 -3.46
N GLU A 185 -13.58 -3.43 -4.61
CA GLU A 185 -12.55 -2.41 -4.68
C GLU A 185 -12.88 -1.06 -4.05
N LYS A 186 -14.15 -0.79 -3.75
CA LYS A 186 -14.59 0.53 -3.16
C LYS A 186 -14.12 0.76 -1.73
N VAL A 187 -13.67 -0.31 -1.08
CA VAL A 187 -13.00 -0.19 0.21
C VAL A 187 -11.82 0.79 0.18
N ASP A 188 -11.03 0.75 -0.90
CA ASP A 188 -9.86 1.60 -1.09
C ASP A 188 -10.26 3.10 -1.19
N LEU A 189 -11.49 3.35 -1.61
CA LEU A 189 -12.00 4.69 -1.74
C LEU A 189 -12.35 5.23 -0.36
N TRP A 190 -12.93 4.35 0.44
CA TRP A 190 -13.24 4.66 1.79
C TRP A 190 -11.92 5.05 2.51
N SER A 191 -10.96 4.14 2.51
CA SER A 191 -9.71 4.37 3.25
C SER A 191 -8.96 5.57 2.76
N LEU A 192 -9.13 5.87 1.47
CA LEU A 192 -8.60 7.10 0.87
C LEU A 192 -9.16 8.35 1.52
N GLY A 193 -10.47 8.32 1.78
CA GLY A 193 -11.13 9.43 2.45
C GLY A 193 -10.66 9.54 3.90
N VAL A 194 -10.50 8.40 4.57
CA VAL A 194 -10.02 8.38 5.93
C VAL A 194 -8.61 9.00 5.99
N LEU A 195 -7.77 8.56 5.06
CA LEU A 195 -6.41 9.07 4.92
C LEU A 195 -6.35 10.61 4.63
N CYS A 196 -7.22 11.10 3.75
CA CYS A 196 -7.17 12.51 3.33
C CYS A 196 -7.51 13.37 4.52
N TYR A 197 -8.42 12.87 5.34
CA TYR A 197 -8.76 13.42 6.65
C TYR A 197 -7.63 13.41 7.70
N GLU A 198 -6.95 12.29 7.86
CA GLU A 198 -5.84 12.19 8.80
C GLU A 198 -4.70 13.13 8.38
N PHE A 199 -4.43 13.18 7.06
CA PHE A 199 -3.47 14.13 6.47
C PHE A 199 -3.68 15.59 6.93
N LEU A 200 -4.92 16.05 6.88
CA LEU A 200 -5.21 17.46 7.13
C LEU A 200 -5.45 17.75 8.59
N VAL A 201 -5.86 16.74 9.34
CA VAL A 201 -6.22 16.97 10.71
C VAL A 201 -5.19 16.40 11.70
N GLY A 202 -4.48 15.36 11.29
CA GLY A 202 -3.49 14.78 12.17
C GLY A 202 -3.99 13.53 12.90
N LYS A 203 -5.30 13.30 12.89
CA LYS A 203 -5.85 12.06 13.42
C LYS A 203 -6.99 11.53 12.53
N PRO A 204 -7.21 10.21 12.52
CA PRO A 204 -8.30 9.73 11.65
C PRO A 204 -9.70 10.10 12.20
N PRO A 205 -10.72 10.10 11.34
CA PRO A 205 -12.04 10.62 11.72
C PRO A 205 -12.86 9.78 12.70
N PHE A 206 -12.57 8.49 12.86
CA PHE A 206 -13.42 7.63 13.69
C PHE A 206 -12.75 7.09 14.96
N GLU A 207 -11.72 7.81 15.41
CA GLU A 207 -10.93 7.47 16.58
C GLU A 207 -11.74 7.46 17.86
N ALA A 208 -11.61 6.37 18.60
CA ALA A 208 -12.36 6.18 19.86
C ALA A 208 -11.44 5.52 20.90
N ASN A 209 -11.93 5.45 22.14
CA ASN A 209 -11.16 4.80 23.20
C ASN A 209 -11.08 3.30 23.00
N THR A 210 -12.24 2.70 22.70
CA THR A 210 -12.33 1.26 22.54
C THR A 210 -12.64 0.99 21.09
N TYR A 211 -12.16 -0.15 20.56
CA TYR A 211 -12.53 -0.56 19.21
C TYR A 211 -14.05 -0.72 19.01
N GLN A 212 -14.74 -1.26 20.01
CA GLN A 212 -16.20 -1.38 19.98
C GLN A 212 -16.78 -0.04 19.48
N GLU A 213 -16.34 1.05 20.12
CA GLU A 213 -16.92 2.36 19.87
C GLU A 213 -16.52 2.92 18.49
N THR A 214 -15.31 2.60 18.02
CA THR A 214 -14.85 2.99 16.69
C THR A 214 -15.63 2.25 15.58
N TYR A 215 -15.75 0.93 15.70
CA TYR A 215 -16.65 0.17 14.82
C TYR A 215 -18.00 0.87 14.60
N LYS A 216 -18.68 1.16 15.72
CA LYS A 216 -19.98 1.82 15.72
C LYS A 216 -19.97 3.18 14.97
N ARG A 217 -18.93 3.98 15.16
CA ARG A 217 -18.88 5.27 14.52
C ARG A 217 -18.62 5.15 13.02
N ILE A 218 -17.80 4.17 12.63
CA ILE A 218 -17.58 3.86 11.22
C ILE A 218 -18.89 3.43 10.55
N SER A 219 -19.65 2.53 11.17
CA SER A 219 -20.96 2.10 10.63
C SER A 219 -21.97 3.20 10.53
N ARG A 220 -22.06 4.05 11.54
CA ARG A 220 -23.01 5.17 11.49
C ARG A 220 -22.41 6.34 10.72
N VAL A 221 -21.17 6.20 10.28
CA VAL A 221 -20.42 7.30 9.66
C VAL A 221 -20.54 8.57 10.50
N GLU A 222 -20.24 8.42 11.78
CA GLU A 222 -20.30 9.52 12.69
C GLU A 222 -18.93 10.17 12.80
N PHE A 223 -18.76 11.33 12.15
CA PHE A 223 -17.54 12.10 12.26
C PHE A 223 -17.80 13.58 11.95
N THR A 224 -16.88 14.44 12.38
CA THR A 224 -17.02 15.89 12.23
C THR A 224 -15.68 16.48 11.77
N PHE A 225 -15.71 17.69 11.22
CA PHE A 225 -14.49 18.31 10.72
C PHE A 225 -14.14 19.44 11.68
N PRO A 226 -12.82 19.70 11.91
CA PRO A 226 -12.34 20.92 12.58
C PRO A 226 -12.55 22.14 11.71
N ASP A 227 -12.75 23.30 12.34
CA ASP A 227 -13.07 24.54 11.64
C ASP A 227 -12.11 24.87 10.52
N PHE A 228 -10.84 24.51 10.69
CA PHE A 228 -9.82 24.84 9.69
C PHE A 228 -9.96 24.08 8.38
N VAL A 229 -10.75 22.99 8.37
CA VAL A 229 -10.82 22.20 7.16
C VAL A 229 -11.65 22.96 6.15
N THR A 230 -11.11 23.16 4.95
CA THR A 230 -11.80 24.01 3.97
C THR A 230 -12.89 23.23 3.24
N GLU A 231 -13.90 23.98 2.82
CA GLU A 231 -15.08 23.44 2.14
C GLU A 231 -14.83 22.38 1.04
N GLY A 232 -13.87 22.65 0.14
CA GLY A 232 -13.44 21.70 -0.88
C GLY A 232 -12.84 20.43 -0.33
N ALA A 233 -12.05 20.56 0.73
CA ALA A 233 -11.57 19.37 1.44
C ALA A 233 -12.71 18.57 2.12
N ARG A 234 -13.67 19.28 2.75
CA ARG A 234 -14.86 18.62 3.33
C ARG A 234 -15.64 17.89 2.23
N ASP A 235 -15.86 18.54 1.10
CA ASP A 235 -16.65 17.92 0.05
C ASP A 235 -16.02 16.59 -0.39
N LEU A 236 -14.74 16.64 -0.72
CA LEU A 236 -14.03 15.48 -1.15
C LEU A 236 -14.12 14.36 -0.15
N ILE A 237 -13.81 14.67 1.13
CA ILE A 237 -13.81 13.66 2.19
C ILE A 237 -15.19 13.09 2.35
N SER A 238 -16.19 13.96 2.28
CA SER A 238 -17.55 13.54 2.45
C SER A 238 -18.00 12.60 1.32
N ARG A 239 -17.53 12.87 0.11
CA ARG A 239 -17.84 12.05 -1.07
C ARG A 239 -17.24 10.66 -0.93
N LEU A 240 -16.02 10.59 -0.39
CA LEU A 240 -15.30 9.32 -0.24
C LEU A 240 -15.87 8.51 0.90
N LEU A 241 -16.38 9.20 1.90
CA LEU A 241 -16.82 8.54 3.13
C LEU A 241 -18.33 8.26 3.13
N LYS A 242 -18.77 7.49 2.15
CA LYS A 242 -20.19 7.17 1.96
C LYS A 242 -20.38 5.75 2.47
N HIS A 243 -21.42 5.53 3.28
CA HIS A 243 -21.75 4.20 3.79
C HIS A 243 -21.94 3.16 2.68
N ASN A 244 -22.66 3.55 1.64
CA ASN A 244 -22.92 2.72 0.48
C ASN A 244 -21.70 2.91 -0.41
N PRO A 245 -20.96 1.80 -0.60
CA PRO A 245 -19.71 1.77 -1.37
C PRO A 245 -19.97 2.16 -2.82
N SER A 246 -21.14 1.75 -3.30
CA SER A 246 -21.63 2.11 -4.62
C SER A 246 -21.73 3.62 -4.84
N GLN A 247 -21.89 4.38 -3.75
CA GLN A 247 -22.02 5.83 -3.79
C GLN A 247 -20.67 6.54 -3.85
N ARG A 248 -19.58 5.79 -3.67
CA ARG A 248 -18.28 6.42 -3.55
C ARG A 248 -17.82 6.77 -4.94
N PRO A 249 -17.02 7.85 -5.12
CA PRO A 249 -16.63 8.26 -6.48
C PRO A 249 -15.63 7.28 -7.10
N MET A 250 -15.44 7.41 -8.41
CA MET A 250 -14.39 6.72 -9.13
C MET A 250 -13.12 7.49 -8.87
N LEU A 251 -11.99 6.81 -9.02
CA LEU A 251 -10.70 7.41 -8.76
C LEU A 251 -10.34 8.53 -9.73
N ARG A 252 -10.84 8.43 -10.97
CA ARG A 252 -10.70 9.47 -11.97
C ARG A 252 -11.41 10.77 -11.54
N GLU A 253 -12.51 10.61 -10.80
CA GLU A 253 -13.28 11.70 -10.18
C GLU A 253 -12.49 12.38 -9.06
N VAL A 254 -11.91 11.58 -8.19
CA VAL A 254 -10.98 12.14 -7.22
C VAL A 254 -9.92 12.98 -7.94
N LEU A 255 -9.30 12.42 -8.97
CA LEU A 255 -8.18 13.06 -9.65
C LEU A 255 -8.63 14.35 -10.29
N GLU A 256 -9.90 14.41 -10.65
CA GLU A 256 -10.46 15.60 -11.27
C GLU A 256 -11.20 16.53 -10.30
N HIS A 257 -11.24 16.17 -9.00
CA HIS A 257 -11.90 17.03 -8.01
C HIS A 257 -11.22 18.41 -7.92
N PRO A 258 -12.02 19.51 -7.90
CA PRO A 258 -11.51 20.89 -7.96
C PRO A 258 -10.60 21.30 -6.79
N TRP A 259 -10.80 20.72 -5.61
CA TRP A 259 -9.84 20.91 -4.51
C TRP A 259 -8.52 20.22 -4.82
N ILE A 260 -8.58 19.11 -5.52
CA ILE A 260 -7.37 18.33 -5.79
C ILE A 260 -6.58 19.07 -6.88
N THR A 261 -7.25 19.37 -7.98
CA THR A 261 -6.67 20.19 -9.03
C THR A 261 -6.16 21.58 -8.61
N ALA A 262 -6.87 22.26 -7.72
CA ALA A 262 -6.45 23.59 -7.26
C ALA A 262 -5.21 23.55 -6.36
N ASN A 263 -4.93 22.37 -5.82
CA ASN A 263 -3.96 22.26 -4.74
C ASN A 263 -2.75 21.39 -5.03
N SER A 264 -2.90 20.42 -5.92
CA SER A 264 -1.73 19.61 -6.29
C SER A 264 -0.81 20.32 -7.31
N SER A 265 0.44 19.88 -7.33
CA SER A 265 1.52 20.55 -8.06
C SER A 265 1.47 20.41 -9.60
N LYS A 266 2.37 21.12 -10.31
CA LYS A 266 2.66 20.78 -11.73
C LYS A 266 2.83 19.24 -11.86
N SER B 7 8.07 -25.74 2.70
CA SER B 7 6.77 -25.65 1.97
C SER B 7 7.11 -25.51 0.51
N SER B 8 6.12 -25.08 -0.25
CA SER B 8 6.42 -24.43 -1.50
C SER B 8 6.70 -22.98 -1.12
N TYR B 9 7.99 -22.67 -1.11
CA TYR B 9 8.40 -21.30 -1.14
C TYR B 9 8.67 -21.01 -2.60
N SER B 10 7.90 -21.68 -3.46
CA SER B 10 8.07 -21.59 -4.88
C SER B 10 6.99 -20.72 -5.50
N TYR B 11 7.26 -19.45 -5.69
CA TYR B 11 6.20 -18.50 -6.05
C TYR B 11 6.16 -18.21 -7.54
N ASP B 12 4.99 -17.77 -8.02
CA ASP B 12 4.82 -17.33 -9.41
C ASP B 12 5.28 -15.89 -9.43
N ALA B 13 6.59 -15.75 -9.28
CA ALA B 13 7.24 -14.48 -9.01
C ALA B 13 8.78 -14.51 -9.32
N PRO B 14 9.39 -13.34 -9.70
CA PRO B 14 10.78 -13.15 -10.11
C PRO B 14 11.81 -13.51 -9.03
N SER B 15 12.73 -14.39 -9.38
CA SER B 15 13.81 -14.69 -8.48
C SER B 15 15.11 -14.77 -9.27
N ASP B 16 15.08 -14.23 -10.49
CA ASP B 16 16.26 -14.17 -11.36
C ASP B 16 17.10 -12.94 -11.12
N PHE B 17 18.41 -13.12 -11.09
CA PHE B 17 19.34 -12.04 -10.86
C PHE B 17 19.11 -10.89 -11.85
N ILE B 18 19.16 -9.66 -11.34
CA ILE B 18 18.95 -8.49 -12.19
C ILE B 18 20.24 -7.66 -12.26
N ASN B 19 20.60 -7.24 -13.47
CA ASN B 19 21.70 -6.29 -13.67
C ASN B 19 21.18 -4.88 -13.44
N PHE B 20 21.40 -4.38 -12.23
CA PHE B 20 20.80 -3.11 -11.80
C PHE B 20 21.45 -1.95 -12.44
N SER B 21 22.71 -2.15 -12.80
CA SER B 21 23.49 -1.13 -13.44
C SER B 21 23.23 -1.10 -14.94
N SER B 22 21.91 -1.44 -15.51
CA SER B 22 21.27 -0.38 -16.46
C SER B 22 19.74 -0.50 -16.28
N GLY B 27 12.37 2.85 -18.34
CA GLY B 27 11.13 2.78 -17.57
C GLY B 27 10.15 1.72 -18.09
N ASP B 28 10.51 1.07 -19.21
CA ASP B 28 9.62 0.09 -19.85
C ASP B 28 10.12 -1.37 -19.95
N THR B 29 9.66 -2.21 -19.02
CA THR B 29 9.57 -3.66 -19.19
C THR B 29 8.07 -3.97 -19.15
N GLN B 30 7.41 -3.65 -20.26
CA GLN B 30 5.94 -3.43 -20.32
C GLN B 30 5.07 -4.68 -20.12
N ASN B 31 5.52 -5.80 -20.68
CA ASN B 31 4.76 -7.04 -20.67
C ASN B 31 4.37 -7.54 -19.27
N ILE B 32 5.28 -7.38 -18.30
CA ILE B 32 5.25 -8.04 -16.97
C ILE B 32 3.88 -8.12 -16.26
N ASP B 33 3.21 -6.97 -16.12
CA ASP B 33 1.88 -6.94 -15.49
C ASP B 33 0.75 -7.60 -16.31
N SER B 34 1.08 -8.08 -17.51
CA SER B 34 0.11 -8.81 -18.34
C SER B 34 -0.32 -10.05 -17.58
N TRP B 35 0.51 -10.39 -16.60
CA TRP B 35 0.35 -11.55 -15.72
C TRP B 35 -1.00 -11.56 -15.01
N PHE B 36 -1.55 -10.39 -14.72
CA PHE B 36 -2.84 -10.27 -14.03
C PHE B 36 -4.03 -10.74 -14.88
N GLU B 37 -4.17 -10.13 -16.07
CA GLU B 37 -5.29 -10.48 -16.93
C GLU B 37 -5.17 -11.92 -17.42
N GLU B 38 -3.95 -12.41 -17.60
CA GLU B 38 -3.66 -13.80 -17.97
C GLU B 38 -4.10 -14.78 -16.89
N LYS B 39 -3.80 -14.45 -15.64
CA LYS B 39 -4.26 -15.20 -14.48
C LYS B 39 -5.79 -15.11 -14.31
N ALA B 40 -6.37 -13.97 -14.68
CA ALA B 40 -7.82 -13.84 -14.74
C ALA B 40 -8.36 -14.65 -15.92
N ASN B 41 -7.61 -14.61 -17.03
CA ASN B 41 -8.00 -15.25 -18.28
C ASN B 41 -7.88 -16.77 -18.24
N LEU B 42 -7.23 -17.29 -17.20
CA LEU B 42 -7.17 -18.74 -16.95
C LEU B 42 -8.60 -19.29 -16.96
N GLU B 43 -8.81 -20.34 -17.76
CA GLU B 43 -10.15 -20.89 -18.01
C GLU B 43 -10.47 -22.13 -17.20
N1 VX6 C . 14.54 8.84 7.75
C2 VX6 C . 14.96 8.38 6.43
C3 VX6 C . 14.30 7.12 5.91
N4 VX6 C . 14.02 6.15 6.94
C5 VX6 C . 13.83 6.49 8.35
C6 VX6 C . 13.61 7.98 8.50
C7 VX6 C . 13.86 10.10 7.52
C8 VX6 C . 13.40 4.99 6.48
C9 VX6 C . 13.41 4.71 5.14
C10 VX6 C . 12.81 3.54 4.73
N11 VX6 C . 12.23 2.70 5.62
C12 VX6 C . 12.26 3.05 6.91
N13 VX6 C . 12.85 4.15 7.36
N14 VX6 C . 12.84 3.27 3.33
C15 VX6 C . 12.47 2.14 2.64
C17 VX6 C . 11.87 0.99 3.22
C18 VX6 C . 11.65 0.12 2.18
N19 VX6 C . 12.10 0.75 1.06
N20 VX6 C . 12.59 1.98 1.31
C21 VX6 C . 11.05 -1.22 2.13
S23 VX6 C . 11.55 1.98 8.15
C24 VX6 C . 10.41 1.07 7.16
C25 VX6 C . 10.76 -0.19 6.70
C26 VX6 C . 9.89 -0.88 5.91
C27 VX6 C . 8.67 -0.35 5.60
C28 VX6 C . 8.31 0.89 6.08
C29 VX6 C . 9.18 1.60 6.87
N30 VX6 C . 7.74 -1.02 4.80
C31 VX6 C . 7.83 -2.32 4.36
O32 VX6 C . 8.65 -3.21 4.67
C33 VX6 C . 6.76 -2.59 3.38
C34 VX6 C . 7.02 -3.66 2.36
C35 VX6 C . 6.03 -3.90 3.48
S SO4 D . -11.04 4.57 -11.82
O1 SO4 D . -9.56 4.42 -11.93
O2 SO4 D . -11.64 4.46 -10.44
O3 SO4 D . -11.29 5.88 -12.45
O4 SO4 D . -11.74 3.52 -12.63
#